data_4NSD
#
_entry.id   4NSD
#
_cell.length_a   99.283
_cell.length_b   105.804
_cell.length_c   156.851
_cell.angle_alpha   90.00
_cell.angle_beta   90.00
_cell.angle_gamma   90.00
#
_symmetry.space_group_name_H-M   'I 21 21 21'
#
loop_
_entity.id
_entity.type
_entity.pdbx_description
1 polymer 'Calcium uptake protein 1, mitochondrial'
2 non-polymer 'CALCIUM ION'
3 non-polymer 'CHLORIDE ION'
4 non-polymer (4S)-2-METHYL-2,4-PENTANEDIOL
5 water water
#
_entity_poly.entity_id   1
_entity_poly.type   'polypeptide(L)'
_entity_poly.pdbx_seq_one_letter_code
;GSMEEKKKKRSGFRDRKVMEYENRIRAYSTPDKIFRYFATLKVISEPGEAEVFMTPEDFVRSITPNEKQPEHLGLDQYII
KRFDGKKISQEREKFADEGSIFYTLGECGLISFSDYIFLTTVLSTPQRNFEIAFKMFDLNGDGEVDMEEFEQVQSIIRSQ
TSMGMRHRDRPTTGNTLKSGLCSALTTYFFGADLKGKLTIKNFLEFQRKLQHDVLKLEFERHDPVDGRITERQFGGMLLA
YSGVQSKKLTAMQRQLKKHFKEGKGLTFQEVENFFTFLKNINDVDTALSFYHMAGASLDKVTMQQVARTVAKVELSDHVC
DVVFALFDCDGNGELSNKEFVSIMKQRLMRG
;
_entity_poly.pdbx_strand_id   A,B
#
loop_
_chem_comp.id
_chem_comp.type
_chem_comp.name
_chem_comp.formula
CA non-polymer 'CALCIUM ION' 'Ca 2'
CL non-polymer 'CHLORIDE ION' 'Cl -1'
MPD non-polymer (4S)-2-METHYL-2,4-PENTANEDIOL 'C6 H14 O2'
#
# COMPACT_ATOMS: atom_id res chain seq x y z
N ASP A 15 11.64 13.61 41.28
CA ASP A 15 11.97 12.21 41.06
C ASP A 15 11.41 11.67 39.74
N ARG A 16 11.30 12.57 38.76
CA ARG A 16 10.90 12.19 37.40
C ARG A 16 12.12 11.67 36.65
N LYS A 17 13.29 11.99 37.18
CA LYS A 17 14.54 11.46 36.66
C LYS A 17 14.51 9.93 36.65
N VAL A 18 13.65 9.36 37.49
CA VAL A 18 13.49 7.91 37.56
C VAL A 18 12.45 7.43 36.55
N MET A 19 11.27 8.03 36.59
CA MET A 19 10.24 7.70 35.61
C MET A 19 10.89 7.63 34.24
N GLU A 20 11.71 8.64 33.93
CA GLU A 20 12.51 8.64 32.72
C GLU A 20 13.44 7.43 32.67
N TYR A 21 14.28 7.30 33.68
CA TYR A 21 15.19 6.17 33.78
C TYR A 21 14.51 4.85 33.39
N GLU A 22 13.43 4.52 34.09
CA GLU A 22 12.73 3.26 33.88
C GLU A 22 12.30 3.00 32.43
N ASN A 23 12.02 4.06 31.68
CA ASN A 23 11.61 3.90 30.29
C ASN A 23 12.78 3.52 29.40
N ARG A 24 13.97 4.00 29.79
CA ARG A 24 15.20 3.67 29.08
C ARG A 24 15.49 2.19 29.21
N ILE A 25 15.28 1.65 30.41
CA ILE A 25 15.40 0.21 30.63
C ILE A 25 14.40 -0.52 29.75
N ARG A 26 13.23 0.09 29.60
CA ARG A 26 12.14 -0.51 28.86
C ARG A 26 12.37 -0.47 27.36
N ALA A 27 13.19 0.47 26.92
CA ALA A 27 13.54 0.56 25.50
C ALA A 27 14.93 -0.01 25.26
N TYR A 28 15.88 0.44 26.07
CA TYR A 28 17.29 0.11 25.90
C TYR A 28 17.81 -0.81 26.99
N SER A 29 17.40 -2.09 26.97
CA SER A 29 17.86 -3.02 28.00
C SER A 29 17.63 -4.50 27.71
N THR A 30 18.59 -5.30 28.13
CA THR A 30 18.47 -6.74 28.04
C THR A 30 17.08 -7.09 28.55
N PRO A 31 16.39 -7.98 27.83
CA PRO A 31 15.17 -8.64 28.30
C PRO A 31 15.29 -9.14 29.74
N ASP A 32 16.45 -9.69 30.10
CA ASP A 32 16.67 -10.16 31.46
C ASP A 32 16.57 -9.00 32.45
N LYS A 33 17.35 -7.95 32.20
CA LYS A 33 17.35 -6.79 33.06
C LYS A 33 15.92 -6.31 33.32
N ILE A 34 15.06 -6.49 32.33
CA ILE A 34 13.70 -5.95 32.44
C ILE A 34 12.80 -6.85 33.28
N PHE A 35 12.67 -8.09 32.86
CA PHE A 35 11.93 -9.09 33.61
C PHE A 35 12.31 -9.02 35.08
N ARG A 36 13.60 -8.92 35.34
CA ARG A 36 14.11 -8.95 36.71
C ARG A 36 13.71 -7.69 37.46
N TYR A 37 13.70 -6.58 36.75
CA TYR A 37 13.44 -5.27 37.33
C TYR A 37 11.97 -5.07 37.72
N PHE A 38 11.07 -5.72 36.99
CA PHE A 38 9.64 -5.56 37.21
C PHE A 38 8.99 -6.73 37.92
N ALA A 39 9.63 -7.89 37.87
CA ALA A 39 9.13 -9.09 38.56
C ALA A 39 9.08 -8.87 40.07
N THR A 40 8.11 -9.49 40.74
CA THR A 40 8.04 -9.33 42.18
C THR A 40 8.25 -10.61 42.97
N LEU A 41 8.10 -11.77 42.33
CA LEU A 41 8.25 -13.05 43.02
C LEU A 41 9.57 -13.73 42.76
N LYS A 42 10.09 -14.35 43.82
CA LYS A 42 11.30 -15.16 43.73
C LYS A 42 11.08 -16.41 44.57
N VAL A 43 10.87 -17.54 43.93
CA VAL A 43 10.67 -18.77 44.65
C VAL A 43 11.92 -19.65 44.55
N ILE A 44 12.41 -20.06 45.70
CA ILE A 44 13.59 -20.91 45.79
C ILE A 44 13.20 -22.27 46.32
N SER A 45 13.79 -23.31 45.75
CA SER A 45 13.56 -24.65 46.26
C SER A 45 14.86 -25.44 46.40
N GLU A 46 15.68 -25.06 47.37
CA GLU A 46 16.95 -25.72 47.63
C GLU A 46 16.85 -27.22 47.37
N PRO A 47 17.90 -27.81 46.77
CA PRO A 47 19.13 -27.14 46.34
C PRO A 47 18.98 -26.57 44.94
N GLY A 48 17.73 -26.48 44.48
CA GLY A 48 17.44 -25.90 43.19
C GLY A 48 17.90 -24.47 43.10
N GLU A 49 17.65 -23.86 41.95
CA GLU A 49 18.00 -22.47 41.72
C GLU A 49 16.81 -21.58 42.02
N ALA A 50 17.05 -20.29 42.24
CA ALA A 50 15.95 -19.34 42.36
C ALA A 50 15.32 -19.14 40.99
N GLU A 51 14.00 -19.21 40.92
CA GLU A 51 13.29 -18.80 39.73
C GLU A 51 12.49 -17.55 40.04
N VAL A 52 12.71 -16.51 39.24
CA VAL A 52 11.98 -15.26 39.37
C VAL A 52 10.67 -15.31 38.59
N PHE A 53 9.63 -14.67 39.12
CA PHE A 53 8.30 -14.70 38.49
C PHE A 53 7.62 -13.33 38.42
N MET A 54 6.85 -13.09 37.36
CA MET A 54 5.99 -11.92 37.30
C MET A 54 4.57 -12.33 37.58
N THR A 55 3.79 -11.40 38.11
CA THR A 55 2.34 -11.52 38.06
C THR A 55 1.90 -10.85 36.77
N PRO A 56 0.66 -11.14 36.34
CA PRO A 56 0.08 -10.45 35.18
C PRO A 56 0.24 -8.93 35.29
N GLU A 57 0.00 -8.39 36.48
CA GLU A 57 0.19 -6.96 36.70
C GLU A 57 1.68 -6.55 36.60
N ASP A 58 2.59 -7.39 37.07
CA ASP A 58 4.03 -7.15 36.89
C ASP A 58 4.38 -7.08 35.42
N PHE A 59 3.82 -8.00 34.65
CA PHE A 59 4.01 -8.01 33.22
C PHE A 59 3.60 -6.67 32.56
N VAL A 60 2.37 -6.26 32.85
CA VAL A 60 1.78 -5.06 32.24
C VAL A 60 2.54 -3.76 32.58
N ARG A 61 2.88 -3.60 33.86
CA ARG A 61 3.71 -2.48 34.25
C ARG A 61 5.02 -2.53 33.49
N SER A 62 5.54 -3.72 33.20
CA SER A 62 6.82 -3.82 32.52
C SER A 62 6.72 -3.34 31.07
N ILE A 63 5.52 -3.30 30.52
CA ILE A 63 5.41 -2.83 29.16
C ILE A 63 4.72 -1.46 29.03
N THR A 64 4.54 -0.75 30.14
CA THR A 64 3.84 0.52 30.10
C THR A 64 4.24 1.47 31.22
N PRO A 65 4.89 2.59 30.87
CA PRO A 65 5.34 3.68 31.75
C PRO A 65 4.28 4.24 32.74
N ASN A 66 4.77 4.94 33.77
CA ASN A 66 3.92 5.58 34.80
C ASN A 66 3.15 4.59 35.68
N HIS A 72 3.32 -3.01 47.80
CA HIS A 72 4.55 -2.31 48.16
C HIS A 72 5.76 -3.26 48.18
N LEU A 73 5.52 -4.57 48.11
CA LEU A 73 6.64 -5.52 48.25
C LEU A 73 6.92 -6.48 47.08
N GLY A 74 8.16 -6.46 46.61
CA GLY A 74 8.71 -7.64 45.98
C GLY A 74 8.77 -8.66 47.11
N LEU A 75 7.88 -9.64 47.08
CA LEU A 75 7.90 -10.69 48.08
C LEU A 75 8.52 -11.98 47.50
N ASP A 76 8.91 -12.92 48.33
CA ASP A 76 9.41 -14.20 47.81
C ASP A 76 9.46 -15.31 48.85
N GLN A 77 9.24 -16.54 48.42
CA GLN A 77 9.08 -17.64 49.37
C GLN A 77 10.07 -18.76 49.11
N TYR A 78 10.42 -19.49 50.15
CA TYR A 78 11.56 -20.34 50.00
C TYR A 78 11.50 -21.69 50.73
N ILE A 79 11.89 -22.73 50.02
CA ILE A 79 11.91 -24.06 50.59
C ILE A 79 13.38 -24.49 50.78
N ILE A 80 13.78 -24.80 52.00
CA ILE A 80 15.07 -25.47 52.21
C ILE A 80 14.83 -26.92 51.72
N LYS A 81 15.80 -27.82 51.86
CA LYS A 81 15.49 -29.26 51.76
C LYS A 81 16.44 -30.13 50.95
N SER A 100 -8.42 -16.26 31.67
CA SER A 100 -7.28 -15.38 31.36
C SER A 100 -6.05 -16.17 30.91
N ILE A 101 -5.48 -15.81 29.77
CA ILE A 101 -4.38 -16.59 29.18
C ILE A 101 -3.07 -16.62 29.97
N PHE A 102 -3.11 -16.22 31.23
CA PHE A 102 -1.93 -16.37 32.09
C PHE A 102 -2.00 -17.67 32.89
N TYR A 103 -3.23 -18.11 33.17
CA TYR A 103 -3.46 -19.42 33.74
C TYR A 103 -3.05 -20.48 32.73
N THR A 104 -2.97 -20.06 31.48
CA THR A 104 -2.56 -20.90 30.37
C THR A 104 -1.10 -21.29 30.50
N LEU A 105 -0.29 -20.38 31.03
CA LEU A 105 1.14 -20.63 31.24
C LEU A 105 1.37 -21.90 32.05
N GLY A 106 0.47 -22.15 33.01
CA GLY A 106 0.54 -23.34 33.82
C GLY A 106 1.04 -23.06 35.23
N GLU A 107 1.82 -21.99 35.37
CA GLU A 107 2.36 -21.62 36.67
C GLU A 107 1.31 -20.92 37.52
N CYS A 108 0.04 -21.21 37.22
CA CYS A 108 -1.08 -20.71 38.02
C CYS A 108 -1.22 -19.20 37.98
N GLY A 109 -1.07 -18.62 36.78
CA GLY A 109 -1.16 -17.18 36.61
C GLY A 109 0.20 -16.52 36.64
N LEU A 110 1.15 -17.18 37.29
CA LEU A 110 2.50 -16.66 37.34
C LEU A 110 3.19 -16.78 35.98
N ILE A 111 4.20 -15.95 35.78
CA ILE A 111 4.88 -15.81 34.49
C ILE A 111 6.38 -15.92 34.69
N SER A 112 6.99 -16.92 34.05
CA SER A 112 8.42 -17.08 34.16
C SER A 112 9.12 -16.30 33.07
N PHE A 113 10.44 -16.21 33.19
CA PHE A 113 11.20 -15.50 32.20
C PHE A 113 11.00 -16.07 30.80
N SER A 114 10.92 -17.39 30.69
CA SER A 114 10.73 -18.00 29.38
C SER A 114 9.32 -17.66 28.86
N ASP A 115 8.37 -17.57 29.79
CA ASP A 115 7.04 -17.06 29.48
C ASP A 115 7.18 -15.60 29.03
N TYR A 116 7.93 -14.83 29.80
CA TYR A 116 8.12 -13.43 29.44
C TYR A 116 8.51 -13.29 27.99
N ILE A 117 9.60 -13.97 27.61
CA ILE A 117 10.09 -13.93 26.23
C ILE A 117 8.99 -14.29 25.26
N PHE A 118 8.35 -15.42 25.49
CA PHE A 118 7.29 -15.85 24.59
C PHE A 118 6.18 -14.79 24.44
N LEU A 119 5.59 -14.36 25.56
CA LEU A 119 4.55 -13.33 25.54
C LEU A 119 5.07 -12.04 24.88
N THR A 120 6.20 -11.57 25.38
CA THR A 120 6.82 -10.38 24.83
C THR A 120 6.87 -10.47 23.30
N THR A 121 7.29 -11.62 22.81
CA THR A 121 7.47 -11.79 21.38
C THR A 121 6.14 -11.83 20.64
N VAL A 122 5.19 -12.61 21.13
CA VAL A 122 3.85 -12.60 20.55
C VAL A 122 3.28 -11.18 20.41
N LEU A 123 3.31 -10.43 21.51
CA LEU A 123 2.78 -9.06 21.53
C LEU A 123 3.44 -8.17 20.51
N SER A 124 4.72 -8.41 20.25
CA SER A 124 5.46 -7.52 19.36
C SER A 124 5.65 -8.10 17.96
N THR A 125 4.88 -9.13 17.60
CA THR A 125 4.95 -9.63 16.24
C THR A 125 3.64 -9.41 15.47
N PRO A 126 3.63 -8.34 14.65
CA PRO A 126 2.51 -7.91 13.80
C PRO A 126 2.02 -9.03 12.89
N GLN A 127 0.70 -9.15 12.80
CA GLN A 127 0.08 -10.11 11.88
C GLN A 127 0.86 -10.34 10.56
N ARG A 128 1.14 -9.28 9.82
CA ARG A 128 1.70 -9.49 8.49
C ARG A 128 3.02 -10.26 8.56
N ASN A 129 3.90 -9.85 9.46
CA ASN A 129 5.17 -10.53 9.70
C ASN A 129 4.99 -12.01 10.01
N PHE A 130 4.14 -12.32 10.98
CA PHE A 130 3.90 -13.71 11.30
C PHE A 130 3.48 -14.51 10.07
N GLU A 131 2.72 -13.86 9.19
CA GLU A 131 2.12 -14.55 8.06
C GLU A 131 3.17 -14.98 7.04
N ILE A 132 4.11 -14.10 6.74
CA ILE A 132 5.21 -14.47 5.88
C ILE A 132 6.07 -15.52 6.55
N ALA A 133 6.66 -15.14 7.68
CA ALA A 133 7.49 -16.03 8.46
C ALA A 133 6.86 -17.42 8.58
N PHE A 134 5.53 -17.47 8.74
CA PHE A 134 4.84 -18.75 8.80
C PHE A 134 4.98 -19.46 7.46
N LYS A 135 4.78 -18.69 6.39
CA LYS A 135 4.99 -19.15 5.03
C LYS A 135 6.34 -19.85 4.91
N MET A 136 7.41 -19.09 5.08
CA MET A 136 8.72 -19.66 4.84
C MET A 136 9.00 -20.89 5.71
N PHE A 137 8.42 -20.92 6.91
CA PHE A 137 8.57 -22.07 7.79
C PHE A 137 7.76 -23.28 7.32
N ASP A 138 6.52 -23.06 6.94
CA ASP A 138 5.68 -24.11 6.41
C ASP A 138 6.27 -24.66 5.12
N LEU A 139 7.14 -25.65 5.25
CA LEU A 139 7.94 -26.15 4.13
C LEU A 139 7.14 -26.94 3.11
N ASN A 140 6.27 -27.81 3.58
CA ASN A 140 5.46 -28.58 2.67
C ASN A 140 4.20 -27.80 2.31
N GLY A 141 4.14 -26.55 2.74
CA GLY A 141 2.97 -25.72 2.51
C GLY A 141 1.65 -26.38 2.89
N ASP A 142 1.65 -27.17 3.96
CA ASP A 142 0.45 -27.90 4.33
C ASP A 142 -0.41 -27.14 5.36
N GLY A 143 -0.32 -25.81 5.35
CA GLY A 143 -1.09 -24.96 6.26
C GLY A 143 -0.69 -25.03 7.74
N GLU A 144 0.15 -25.99 8.08
CA GLU A 144 0.63 -26.13 9.44
C GLU A 144 2.12 -25.87 9.51
N VAL A 145 2.66 -25.98 10.71
CA VAL A 145 4.10 -25.88 10.96
C VAL A 145 4.43 -26.72 12.17
N ASP A 146 5.47 -27.54 12.04
CA ASP A 146 5.79 -28.51 13.09
C ASP A 146 7.24 -28.41 13.61
N MET A 147 7.59 -29.34 14.49
CA MET A 147 8.93 -29.39 15.05
C MET A 147 9.97 -29.76 13.99
N GLU A 148 9.70 -30.84 13.23
CA GLU A 148 10.59 -31.28 12.16
C GLU A 148 10.94 -30.13 11.22
N GLU A 149 9.91 -29.40 10.81
CA GLU A 149 10.10 -28.27 9.90
C GLU A 149 10.89 -27.13 10.54
N PHE A 150 10.46 -26.71 11.73
CA PHE A 150 11.25 -25.72 12.45
C PHE A 150 12.68 -26.24 12.52
N GLU A 151 12.80 -27.50 12.92
CA GLU A 151 14.06 -28.21 12.94
C GLU A 151 14.89 -27.96 11.68
N GLN A 152 14.37 -28.41 10.54
CA GLN A 152 15.06 -28.22 9.26
C GLN A 152 15.46 -26.76 9.04
N VAL A 153 14.47 -25.87 9.09
CA VAL A 153 14.71 -24.46 8.77
C VAL A 153 15.78 -23.86 9.65
N GLN A 154 15.70 -24.17 10.95
CA GLN A 154 16.68 -23.72 11.92
C GLN A 154 18.10 -23.88 11.38
N SER A 155 18.43 -25.11 10.98
CA SER A 155 19.75 -25.44 10.46
C SER A 155 20.10 -24.57 9.27
N ILE A 156 19.34 -24.74 8.20
CA ILE A 156 19.53 -24.01 6.97
C ILE A 156 19.83 -22.55 7.24
N ILE A 157 19.36 -22.07 8.38
CA ILE A 157 19.66 -20.71 8.81
C ILE A 157 21.15 -20.55 9.02
N ARG A 158 21.70 -21.27 9.99
CA ARG A 158 23.14 -21.29 10.21
C ARG A 158 23.84 -21.57 8.88
N SER A 159 23.77 -22.83 8.43
CA SER A 159 24.35 -23.22 7.16
C SER A 159 24.13 -22.18 6.07
N CYS A 182 15.62 -18.02 19.86
CA CYS A 182 14.40 -18.55 19.24
C CYS A 182 14.29 -20.06 19.43
N SER A 183 15.05 -20.61 20.38
CA SER A 183 15.02 -22.04 20.67
C SER A 183 14.20 -22.32 21.92
N ALA A 184 13.92 -21.27 22.68
CA ALA A 184 13.18 -21.39 23.92
C ALA A 184 11.67 -21.48 23.69
N LEU A 185 11.22 -20.88 22.60
CA LEU A 185 9.79 -20.79 22.31
C LEU A 185 9.20 -22.12 21.82
N THR A 186 10.05 -23.06 21.44
CA THR A 186 9.60 -24.33 20.86
C THR A 186 8.44 -25.02 21.58
N THR A 187 8.50 -25.12 22.91
CA THR A 187 7.44 -25.76 23.67
C THR A 187 6.11 -25.00 23.62
N TYR A 188 6.18 -23.67 23.63
CA TYR A 188 4.97 -22.88 23.52
C TYR A 188 4.28 -23.09 22.17
N PHE A 189 5.07 -23.18 21.11
CA PHE A 189 4.56 -23.37 19.75
C PHE A 189 4.13 -24.79 19.43
N PHE A 190 4.94 -25.76 19.82
CA PHE A 190 4.67 -27.16 19.51
C PHE A 190 4.47 -28.00 20.77
N GLY A 191 3.96 -27.38 21.83
CA GLY A 191 3.77 -28.07 23.09
C GLY A 191 5.10 -28.52 23.70
N ALA A 192 5.02 -29.16 24.86
CA ALA A 192 6.22 -29.71 25.48
C ALA A 192 6.59 -31.04 24.82
N ASP A 193 5.58 -31.76 24.33
CA ASP A 193 5.79 -32.95 23.51
C ASP A 193 6.45 -32.61 22.16
N LEU A 194 6.31 -31.35 21.73
CA LEU A 194 6.92 -30.89 20.50
C LEU A 194 6.28 -31.56 19.28
N LYS A 195 5.21 -32.32 19.52
CA LYS A 195 4.49 -33.00 18.46
C LYS A 195 3.30 -32.16 18.00
N GLY A 196 3.31 -30.88 18.37
CA GLY A 196 2.20 -29.99 18.05
C GLY A 196 2.32 -29.38 16.66
N LYS A 197 1.34 -28.56 16.30
CA LYS A 197 1.34 -27.93 14.99
C LYS A 197 0.75 -26.52 15.05
N LEU A 198 1.53 -25.57 14.56
CA LEU A 198 1.24 -24.15 14.68
C LEU A 198 0.48 -23.62 13.47
N THR A 199 -0.58 -22.85 13.72
CA THR A 199 -1.40 -22.34 12.64
C THR A 199 -1.55 -20.82 12.73
N ILE A 200 -1.44 -20.16 11.59
CA ILE A 200 -1.60 -18.73 11.54
C ILE A 200 -2.85 -18.35 12.31
N LYS A 201 -3.89 -19.17 12.17
CA LYS A 201 -5.18 -18.91 12.80
C LYS A 201 -5.12 -19.12 14.31
N ASN A 202 -4.56 -20.25 14.73
CA ASN A 202 -4.31 -20.51 16.14
C ASN A 202 -3.61 -19.34 16.79
N PHE A 203 -2.43 -19.06 16.26
CA PHE A 203 -1.55 -18.03 16.77
C PHE A 203 -2.22 -16.67 16.83
N LEU A 204 -2.91 -16.28 15.75
CA LEU A 204 -3.62 -15.01 15.74
C LEU A 204 -4.71 -14.95 16.80
N GLU A 205 -5.50 -16.03 16.88
CA GLU A 205 -6.52 -16.18 17.91
C GLU A 205 -5.89 -15.88 19.27
N PHE A 206 -4.71 -16.45 19.46
CA PHE A 206 -4.00 -16.30 20.71
C PHE A 206 -3.46 -14.89 20.87
N GLN A 207 -2.92 -14.34 19.80
CA GLN A 207 -2.39 -12.99 19.88
C GLN A 207 -3.46 -12.01 20.35
N ARG A 208 -4.65 -12.11 19.79
CA ARG A 208 -5.76 -11.26 20.21
C ARG A 208 -6.10 -11.40 21.70
N LYS A 209 -6.34 -12.63 22.16
CA LYS A 209 -6.59 -12.87 23.59
C LYS A 209 -5.53 -12.17 24.43
N LEU A 210 -4.27 -12.37 24.07
CA LEU A 210 -3.17 -11.80 24.84
C LEU A 210 -3.29 -10.28 24.89
N GLN A 211 -3.49 -9.67 23.73
CA GLN A 211 -3.63 -8.22 23.64
C GLN A 211 -4.83 -7.72 24.42
N HIS A 212 -5.93 -8.47 24.33
CA HIS A 212 -7.13 -8.15 25.08
C HIS A 212 -6.84 -8.17 26.58
N ASP A 213 -6.29 -9.29 27.05
CA ASP A 213 -6.07 -9.44 28.47
C ASP A 213 -5.08 -8.42 29.01
N VAL A 214 -4.03 -8.14 28.25
CA VAL A 214 -3.06 -7.12 28.64
C VAL A 214 -3.67 -5.71 28.74
N LEU A 215 -4.49 -5.37 27.75
CA LEU A 215 -5.17 -4.06 27.67
C LEU A 215 -6.22 -3.89 28.77
N LYS A 216 -6.88 -4.97 29.14
CA LYS A 216 -7.81 -4.96 30.27
C LYS A 216 -7.08 -4.66 31.57
N LEU A 217 -5.97 -5.35 31.76
CA LEU A 217 -5.13 -5.15 32.92
C LEU A 217 -4.66 -3.71 32.98
N GLU A 218 -4.36 -3.15 31.81
CA GLU A 218 -3.94 -1.75 31.73
C GLU A 218 -5.06 -0.80 32.09
N PHE A 219 -6.23 -1.03 31.52
CA PHE A 219 -7.44 -0.28 31.84
C PHE A 219 -7.62 -0.19 33.36
N GLU A 220 -7.63 -1.34 34.02
CA GLU A 220 -7.83 -1.40 35.47
C GLU A 220 -6.76 -0.61 36.23
N ARG A 221 -5.57 -0.58 35.67
CA ARG A 221 -4.44 0.13 36.27
C ARG A 221 -4.71 1.62 36.32
N HIS A 222 -5.96 2.00 36.04
CA HIS A 222 -6.38 3.39 36.13
C HIS A 222 -7.56 3.53 37.07
N ASP A 223 -7.98 2.41 37.63
CA ASP A 223 -9.10 2.42 38.55
C ASP A 223 -10.23 3.12 37.85
N PRO A 224 -10.89 2.40 36.95
CA PRO A 224 -12.10 2.87 36.28
C PRO A 224 -13.24 2.93 37.29
N VAL A 225 -14.26 3.71 36.98
CA VAL A 225 -15.42 3.79 37.84
C VAL A 225 -16.66 3.38 37.05
N ASP A 226 -17.28 2.28 37.47
CA ASP A 226 -18.43 1.70 36.73
C ASP A 226 -18.10 1.48 35.25
N GLY A 227 -16.92 0.91 34.99
CA GLY A 227 -16.50 0.59 33.64
C GLY A 227 -15.92 1.73 32.82
N ARG A 228 -15.61 2.84 33.45
CA ARG A 228 -15.14 4.02 32.72
C ARG A 228 -13.93 4.69 33.36
N ILE A 229 -12.98 5.09 32.53
CA ILE A 229 -11.87 5.89 32.99
C ILE A 229 -12.02 7.29 32.44
N THR A 230 -11.15 8.21 32.85
CA THR A 230 -11.26 9.61 32.44
C THR A 230 -10.55 9.85 31.12
N GLU A 231 -10.83 11.01 30.54
CA GLU A 231 -10.25 11.36 29.25
C GLU A 231 -8.74 11.53 29.37
N ARG A 232 -8.29 12.10 30.48
CA ARG A 232 -6.86 12.29 30.77
C ARG A 232 -6.16 10.94 30.96
N GLN A 233 -6.75 10.07 31.77
CA GLN A 233 -6.30 8.70 31.91
C GLN A 233 -6.16 8.02 30.54
N PHE A 234 -7.17 8.19 29.70
CA PHE A 234 -7.12 7.66 28.35
C PHE A 234 -5.97 8.32 27.56
N GLY A 235 -5.96 9.66 27.54
CA GLY A 235 -4.89 10.38 26.85
C GLY A 235 -3.54 9.90 27.32
N GLY A 236 -3.46 9.49 28.58
CA GLY A 236 -2.22 8.98 29.11
C GLY A 236 -1.91 7.66 28.47
N MET A 237 -2.92 6.80 28.35
CA MET A 237 -2.69 5.50 27.75
C MET A 237 -2.16 5.64 26.34
N LEU A 238 -2.64 6.67 25.65
CA LEU A 238 -2.28 6.87 24.26
C LEU A 238 -0.85 7.34 24.16
N LEU A 239 -0.50 8.24 25.06
CA LEU A 239 0.80 8.90 25.08
C LEU A 239 1.89 7.93 25.52
N ALA A 240 1.60 7.16 26.56
CA ALA A 240 2.44 6.02 26.93
C ALA A 240 2.61 5.08 25.74
N TYR A 241 1.52 4.79 25.05
CA TYR A 241 1.59 3.85 23.95
C TYR A 241 2.48 4.42 22.85
N SER A 242 2.34 5.71 22.60
CA SER A 242 3.05 6.32 21.48
C SER A 242 4.55 6.21 21.65
N GLY A 243 4.99 6.04 22.89
CA GLY A 243 6.40 5.91 23.21
C GLY A 243 7.15 7.18 22.86
N VAL A 244 6.42 8.28 22.91
CA VAL A 244 6.93 9.56 22.46
C VAL A 244 7.09 10.44 23.68
N GLN A 245 8.26 11.05 23.84
CA GLN A 245 8.47 11.99 24.94
C GLN A 245 8.63 13.42 24.42
N SER A 246 7.64 14.25 24.72
CA SER A 246 7.66 15.66 24.31
C SER A 246 6.96 16.50 25.36
N LYS A 247 7.49 17.71 25.60
CA LYS A 247 6.89 18.61 26.57
C LYS A 247 5.54 19.11 26.05
N LYS A 248 5.47 19.24 24.73
CA LYS A 248 4.25 19.73 24.08
C LYS A 248 3.06 18.82 24.38
N LEU A 249 3.14 17.59 23.89
CA LEU A 249 2.07 16.62 24.06
C LEU A 249 1.75 16.38 25.53
N THR A 250 2.80 16.43 26.36
CA THR A 250 2.68 16.36 27.81
C THR A 250 1.79 17.46 28.38
N ALA A 251 2.09 18.70 28.00
CA ALA A 251 1.24 19.84 28.35
C ALA A 251 -0.16 19.56 27.81
N MET A 252 -0.18 19.01 26.61
CA MET A 252 -1.42 18.63 25.93
C MET A 252 -2.26 17.68 26.78
N GLN A 253 -1.61 16.64 27.30
CA GLN A 253 -2.31 15.56 27.97
C GLN A 253 -2.91 15.98 29.28
N ARG A 254 -2.38 17.06 29.85
CA ARG A 254 -2.86 17.51 31.13
C ARG A 254 -4.14 18.32 30.96
N GLN A 255 -4.17 19.13 29.91
CA GLN A 255 -5.32 20.00 29.64
C GLN A 255 -6.60 19.22 29.29
N LEU A 256 -6.51 17.90 29.27
CA LEU A 256 -7.67 17.09 28.89
C LEU A 256 -8.81 17.22 29.89
N LYS A 257 -8.50 17.12 31.19
CA LYS A 257 -9.52 17.19 32.22
C LYS A 257 -10.22 18.55 32.15
N LYS A 258 -9.50 19.57 31.68
CA LYS A 258 -10.07 20.90 31.52
C LYS A 258 -10.85 21.04 30.19
N HIS A 259 -10.30 20.45 29.13
CA HIS A 259 -10.95 20.37 27.81
C HIS A 259 -12.22 19.53 27.92
N PHE A 260 -12.18 18.53 28.81
CA PHE A 260 -13.34 17.67 29.04
C PHE A 260 -13.76 17.78 30.50
N LYS A 261 -14.35 18.92 30.83
CA LYS A 261 -14.75 19.24 32.21
C LYS A 261 -15.88 18.33 32.70
N GLU A 262 -16.81 17.98 31.81
CA GLU A 262 -17.80 16.97 32.12
C GLU A 262 -17.17 15.58 32.01
N GLY A 263 -17.09 15.07 30.79
CA GLY A 263 -16.54 13.76 30.52
C GLY A 263 -17.26 12.63 31.24
N LYS A 264 -18.01 11.82 30.49
CA LYS A 264 -18.59 10.60 31.05
C LYS A 264 -17.52 9.52 31.08
N GLY A 265 -16.39 9.81 30.43
CA GLY A 265 -15.28 8.87 30.37
C GLY A 265 -15.32 7.91 29.19
N LEU A 266 -14.35 7.03 29.15
CA LEU A 266 -14.27 6.02 28.11
C LEU A 266 -14.46 4.64 28.71
N THR A 267 -15.40 3.88 28.15
CA THR A 267 -15.57 2.50 28.55
C THR A 267 -14.46 1.69 27.92
N PHE A 268 -14.26 0.50 28.46
CA PHE A 268 -13.22 -0.40 27.95
C PHE A 268 -13.40 -0.68 26.46
N GLN A 269 -14.61 -1.04 26.08
CA GLN A 269 -14.95 -1.17 24.68
C GLN A 269 -14.47 0.02 23.83
N GLU A 270 -14.73 1.24 24.27
CA GLU A 270 -14.29 2.38 23.49
C GLU A 270 -12.78 2.36 23.35
N VAL A 271 -12.11 2.12 24.47
CA VAL A 271 -10.66 2.13 24.51
C VAL A 271 -10.08 1.00 23.63
N GLU A 272 -10.69 -0.17 23.72
CA GLU A 272 -10.18 -1.34 23.00
C GLU A 272 -10.31 -1.12 21.49
N ASN A 273 -11.50 -0.70 21.08
CA ASN A 273 -11.74 -0.31 19.71
C ASN A 273 -10.65 0.57 19.13
N PHE A 274 -10.18 1.53 19.92
CA PHE A 274 -9.20 2.45 19.39
C PHE A 274 -7.84 1.81 19.32
N PHE A 275 -7.55 0.94 20.28
CA PHE A 275 -6.26 0.27 20.29
C PHE A 275 -6.20 -0.78 19.19
N THR A 276 -7.36 -1.33 18.82
CA THR A 276 -7.46 -2.22 17.68
C THR A 276 -7.11 -1.47 16.39
N PHE A 277 -7.57 -0.22 16.32
CA PHE A 277 -7.27 0.66 15.20
C PHE A 277 -5.80 0.98 15.20
N LEU A 278 -5.26 1.34 16.35
CA LEU A 278 -3.83 1.57 16.45
C LEU A 278 -3.08 0.34 15.95
N LYS A 279 -3.65 -0.83 16.22
CA LYS A 279 -3.04 -2.08 15.83
C LYS A 279 -2.90 -2.18 14.28
N ASN A 280 -3.81 -1.59 13.54
CA ASN A 280 -3.79 -1.68 12.08
C ASN A 280 -3.43 -0.38 11.41
N ILE A 281 -2.66 0.46 12.10
CA ILE A 281 -2.36 1.80 11.58
C ILE A 281 -1.51 1.80 10.29
N ASN A 282 -0.75 0.75 10.03
CA ASN A 282 -0.01 0.64 8.76
C ASN A 282 -0.94 0.51 7.58
N ASP A 283 -1.92 -0.37 7.75
CA ASP A 283 -2.92 -0.61 6.73
C ASP A 283 -3.64 0.67 6.40
N VAL A 284 -3.80 1.51 7.41
CA VAL A 284 -4.50 2.77 7.25
C VAL A 284 -3.78 3.65 6.23
N ASP A 285 -2.48 3.81 6.39
CA ASP A 285 -1.69 4.60 5.45
C ASP A 285 -1.78 4.02 4.03
N THR A 286 -1.83 2.70 3.94
CA THR A 286 -2.01 2.04 2.64
C THR A 286 -3.38 2.35 2.07
N ALA A 287 -4.38 2.42 2.94
CA ALA A 287 -5.76 2.70 2.52
C ALA A 287 -5.87 4.11 1.96
N LEU A 288 -5.15 5.05 2.55
CA LEU A 288 -5.19 6.43 2.09
C LEU A 288 -4.51 6.58 0.75
N SER A 289 -3.31 6.03 0.67
CA SER A 289 -2.55 5.99 -0.57
C SER A 289 -3.37 5.39 -1.71
N PHE A 290 -4.04 4.29 -1.43
CA PHE A 290 -4.87 3.65 -2.42
C PHE A 290 -5.91 4.60 -3.02
N TYR A 291 -6.53 5.43 -2.18
CA TYR A 291 -7.54 6.37 -2.68
C TYR A 291 -6.91 7.68 -3.14
N HIS A 292 -5.60 7.63 -3.33
CA HIS A 292 -4.85 8.78 -3.79
C HIS A 292 -4.93 9.92 -2.77
N MET A 293 -4.50 9.63 -1.55
CA MET A 293 -4.54 10.61 -0.47
C MET A 293 -3.43 10.38 0.54
N ALA A 294 -2.29 9.90 0.06
CA ALA A 294 -1.18 9.54 0.92
C ALA A 294 -0.68 10.70 1.75
N GLY A 295 -0.61 10.49 3.07
CA GLY A 295 -0.11 11.50 3.98
C GLY A 295 -1.11 12.61 4.15
N ALA A 296 -2.38 12.31 3.90
CA ALA A 296 -3.46 13.28 4.01
C ALA A 296 -3.76 13.56 5.49
N SER A 297 -4.14 14.80 5.80
CA SER A 297 -4.59 15.13 7.15
C SER A 297 -5.92 14.46 7.47
N LEU A 298 -6.04 13.97 8.70
CA LEU A 298 -7.27 13.33 9.15
C LEU A 298 -8.19 14.33 9.78
N ASP A 299 -9.47 14.27 9.43
CA ASP A 299 -10.50 14.88 10.24
C ASP A 299 -11.29 13.78 10.91
N LYS A 300 -12.03 14.13 11.95
CA LYS A 300 -12.68 13.11 12.77
C LYS A 300 -13.47 12.09 11.99
N VAL A 301 -14.19 12.56 10.98
CA VAL A 301 -15.03 11.66 10.22
C VAL A 301 -14.20 10.72 9.33
N THR A 302 -13.05 11.21 8.87
CA THR A 302 -12.19 10.41 8.01
C THR A 302 -11.49 9.35 8.83
N MET A 303 -11.07 9.73 10.03
CA MET A 303 -10.47 8.77 10.93
C MET A 303 -11.48 7.66 11.21
N GLN A 304 -12.75 8.04 11.37
CA GLN A 304 -13.76 7.05 11.68
C GLN A 304 -14.04 6.15 10.50
N GLN A 305 -13.98 6.71 9.29
CA GLN A 305 -14.23 5.92 8.09
C GLN A 305 -13.15 4.86 7.88
N VAL A 306 -11.88 5.25 8.02
CA VAL A 306 -10.79 4.28 7.85
C VAL A 306 -10.74 3.24 8.96
N ALA A 307 -10.83 3.70 10.21
CA ALA A 307 -10.85 2.78 11.33
C ALA A 307 -11.86 1.67 11.01
N ARG A 308 -12.99 2.07 10.43
CA ARG A 308 -14.07 1.15 10.13
C ARG A 308 -13.72 0.27 8.94
N THR A 309 -13.07 0.86 7.96
CA THR A 309 -12.73 0.15 6.73
C THR A 309 -11.55 -0.80 6.87
N VAL A 310 -10.51 -0.38 7.57
CA VAL A 310 -9.31 -1.23 7.72
C VAL A 310 -9.15 -1.89 9.09
N ALA A 311 -10.07 -1.66 10.00
CA ALA A 311 -10.01 -2.38 11.27
C ALA A 311 -11.38 -2.87 11.69
N LYS A 312 -12.37 -2.64 10.84
CA LYS A 312 -13.70 -3.15 11.14
C LYS A 312 -14.22 -2.74 12.51
N VAL A 313 -13.82 -1.57 13.02
CA VAL A 313 -14.40 -1.06 14.26
C VAL A 313 -15.11 0.29 14.12
N GLU A 314 -16.06 0.53 15.02
CA GLU A 314 -16.71 1.82 15.13
C GLU A 314 -16.12 2.62 16.28
N LEU A 315 -15.32 3.62 15.93
CA LEU A 315 -14.80 4.58 16.90
C LEU A 315 -15.86 5.59 17.30
N SER A 316 -16.15 5.66 18.59
CA SER A 316 -17.05 6.68 19.12
C SER A 316 -16.56 8.12 18.86
N ASP A 317 -17.50 9.05 18.79
CA ASP A 317 -17.16 10.46 18.63
C ASP A 317 -16.28 10.91 19.80
N HIS A 318 -16.56 10.39 20.98
CA HIS A 318 -15.86 10.87 22.16
C HIS A 318 -14.38 10.47 22.11
N VAL A 319 -14.12 9.22 21.75
CA VAL A 319 -12.74 8.78 21.56
C VAL A 319 -12.02 9.74 20.63
N CYS A 320 -12.63 10.02 19.50
CA CYS A 320 -12.01 10.90 18.53
C CYS A 320 -11.77 12.24 19.14
N ASP A 321 -12.75 12.72 19.92
CA ASP A 321 -12.65 14.03 20.55
C ASP A 321 -11.36 14.09 21.35
N VAL A 322 -11.17 13.08 22.21
CA VAL A 322 -9.99 13.01 23.05
C VAL A 322 -8.68 12.88 22.25
N VAL A 323 -8.66 11.98 21.27
CA VAL A 323 -7.50 11.78 20.41
C VAL A 323 -7.16 13.03 19.61
N PHE A 324 -8.16 13.76 19.15
CA PHE A 324 -7.84 15.00 18.46
C PHE A 324 -7.36 16.03 19.47
N ALA A 325 -8.08 16.14 20.58
CA ALA A 325 -7.70 17.10 21.62
C ALA A 325 -6.26 16.93 22.13
N LEU A 326 -5.72 15.72 22.00
CA LEU A 326 -4.40 15.42 22.54
C LEU A 326 -3.32 15.54 21.47
N PHE A 327 -3.63 15.18 20.23
CA PHE A 327 -2.61 15.11 19.20
C PHE A 327 -2.59 16.31 18.26
N ASP A 328 -3.69 17.06 18.22
CA ASP A 328 -3.83 18.25 17.36
C ASP A 328 -2.97 19.44 17.81
N CYS A 329 -1.66 19.24 17.89
CA CYS A 329 -0.73 20.23 18.42
C CYS A 329 -0.75 21.64 17.79
N ASP A 330 -1.17 21.77 16.53
CA ASP A 330 -1.24 23.10 15.94
C ASP A 330 -2.62 23.72 16.07
N GLY A 331 -3.59 22.93 16.53
CA GLY A 331 -4.93 23.44 16.79
C GLY A 331 -5.69 23.85 15.54
N ASN A 332 -5.48 23.16 14.43
CA ASN A 332 -6.22 23.44 13.21
C ASN A 332 -7.39 22.49 13.02
N GLY A 333 -7.61 21.63 14.01
CA GLY A 333 -8.74 20.72 14.00
C GLY A 333 -8.55 19.40 13.26
N GLU A 334 -7.40 19.19 12.66
CA GLU A 334 -7.18 17.92 11.99
C GLU A 334 -5.79 17.37 12.27
N LEU A 335 -5.63 16.06 12.14
CA LEU A 335 -4.36 15.43 12.48
C LEU A 335 -3.54 15.21 11.23
N SER A 336 -2.37 15.81 11.21
CA SER A 336 -1.52 15.68 10.05
C SER A 336 -0.83 14.33 10.20
N ASN A 337 -0.22 13.83 9.14
CA ASN A 337 0.48 12.57 9.23
C ASN A 337 1.53 12.58 10.32
N LYS A 338 2.26 13.69 10.44
CA LYS A 338 3.36 13.79 11.39
C LYS A 338 2.84 13.87 12.82
N GLU A 339 1.60 14.33 12.94
CA GLU A 339 0.98 14.51 14.25
C GLU A 339 0.44 13.21 14.86
N PHE A 340 0.08 12.23 14.02
CA PHE A 340 -0.56 11.04 14.55
C PHE A 340 -0.15 9.74 13.88
N VAL A 341 -0.50 9.57 12.60
CA VAL A 341 -0.21 8.31 11.95
C VAL A 341 1.27 8.02 11.94
N SER A 342 2.06 8.97 11.46
CA SER A 342 3.51 8.87 11.49
C SER A 342 3.99 8.31 12.81
N ILE A 343 3.59 8.96 13.90
CA ILE A 343 3.98 8.59 15.26
C ILE A 343 3.53 7.19 15.68
N MET A 344 2.32 6.80 15.30
CA MET A 344 1.74 5.52 15.69
C MET A 344 2.27 4.41 14.82
N LYS A 345 2.51 4.73 13.55
CA LYS A 345 3.19 3.85 12.62
C LYS A 345 4.58 3.54 13.15
N GLN A 346 5.27 4.60 13.58
CA GLN A 346 6.60 4.49 14.16
C GLN A 346 6.65 3.58 15.39
N ARG A 347 5.56 3.53 16.14
CA ARG A 347 5.49 2.79 17.41
C ARG A 347 5.55 1.27 17.20
N LEU A 348 5.59 0.85 15.94
CA LEU A 348 5.80 -0.55 15.63
C LEU A 348 7.03 -0.69 14.73
N MET A 349 8.09 0.03 15.10
CA MET A 349 9.28 0.19 14.25
C MET A 349 8.89 0.62 12.81
N ILE B 25 21.21 4.20 -30.55
CA ILE B 25 20.59 4.70 -31.77
C ILE B 25 20.46 6.22 -31.73
N ARG B 26 21.48 6.91 -32.21
CA ARG B 26 21.42 8.36 -32.34
C ARG B 26 20.37 8.75 -33.38
N ALA B 27 20.10 7.84 -34.30
CA ALA B 27 18.99 8.04 -35.23
C ALA B 27 17.64 7.77 -34.55
N TYR B 28 17.65 7.01 -33.45
CA TYR B 28 16.44 6.79 -32.67
C TYR B 28 16.44 7.57 -31.37
N SER B 29 15.49 7.23 -30.48
CA SER B 29 14.96 8.26 -29.61
C SER B 29 15.04 9.51 -30.49
N THR B 30 15.67 10.58 -30.02
CA THR B 30 15.59 11.83 -30.76
C THR B 30 14.15 11.92 -31.22
N PRO B 31 13.26 12.29 -30.29
CA PRO B 31 11.83 12.44 -30.58
C PRO B 31 11.63 12.98 -31.99
N ASP B 32 12.60 13.77 -32.44
CA ASP B 32 12.55 14.36 -33.77
C ASP B 32 12.70 13.31 -34.88
N LYS B 33 13.78 12.53 -34.83
CA LYS B 33 13.95 11.42 -35.75
C LYS B 33 12.75 10.48 -35.74
N ILE B 34 12.27 10.13 -34.55
CA ILE B 34 11.08 9.28 -34.43
C ILE B 34 9.82 9.95 -35.00
N PHE B 35 9.66 11.25 -34.73
CA PHE B 35 8.54 11.99 -35.30
C PHE B 35 8.59 11.97 -36.82
N ARG B 36 9.74 12.32 -37.39
CA ARG B 36 9.90 12.30 -38.84
C ARG B 36 9.72 10.91 -39.44
N TYR B 37 10.14 9.89 -38.70
CA TYR B 37 10.10 8.52 -39.23
C TYR B 37 8.68 8.04 -39.44
N PHE B 38 7.73 8.49 -38.61
CA PHE B 38 6.36 7.98 -38.74
C PHE B 38 5.38 9.01 -39.32
N ALA B 39 5.79 10.28 -39.36
CA ALA B 39 4.95 11.31 -39.97
C ALA B 39 4.77 11.00 -41.44
N THR B 40 3.54 11.12 -41.94
CA THR B 40 3.28 10.91 -43.36
C THR B 40 3.08 12.21 -44.15
N LEU B 41 2.92 13.33 -43.44
CA LEU B 41 2.46 14.59 -44.03
C LEU B 41 3.49 15.70 -43.93
N LYS B 42 3.60 16.51 -44.96
CA LYS B 42 4.54 17.63 -44.95
C LYS B 42 4.08 18.80 -45.81
N VAL B 43 4.13 19.99 -45.24
CA VAL B 43 3.61 21.17 -45.92
C VAL B 43 4.74 22.16 -46.14
N ILE B 44 5.19 22.31 -47.39
CA ILE B 44 6.23 23.27 -47.67
C ILE B 44 5.61 24.61 -47.97
N SER B 45 5.92 25.61 -47.16
CA SER B 45 5.38 26.93 -47.45
C SER B 45 6.51 27.84 -47.90
N GLU B 46 7.31 27.37 -48.86
CA GLU B 46 8.34 28.22 -49.45
C GLU B 46 7.77 29.61 -49.61
N PRO B 47 8.51 30.64 -49.15
CA PRO B 47 9.93 30.67 -48.76
C PRO B 47 10.31 29.79 -47.57
N GLY B 48 9.47 29.79 -46.53
CA GLY B 48 9.78 29.09 -45.29
C GLY B 48 10.22 27.64 -45.44
N GLU B 49 10.45 26.99 -44.32
CA GLU B 49 10.81 25.58 -44.33
C GLU B 49 9.56 24.71 -44.41
N ALA B 50 9.79 23.40 -44.40
CA ALA B 50 8.69 22.45 -44.34
C ALA B 50 8.23 22.34 -42.90
N GLU B 51 7.00 21.91 -42.72
CA GLU B 51 6.54 21.47 -41.42
C GLU B 51 6.07 20.03 -41.57
N VAL B 52 6.59 19.15 -40.72
CA VAL B 52 6.20 17.76 -40.77
C VAL B 52 5.00 17.57 -39.86
N PHE B 53 4.13 16.63 -40.22
CA PHE B 53 2.92 16.35 -39.43
C PHE B 53 2.59 14.87 -39.35
N MET B 54 2.10 14.44 -38.20
CA MET B 54 1.57 13.11 -38.10
C MET B 54 0.06 13.24 -38.25
N THR B 55 -0.59 12.24 -38.84
CA THR B 55 -2.01 12.10 -38.61
C THR B 55 -2.13 11.38 -37.28
N PRO B 56 -3.32 11.41 -36.68
CA PRO B 56 -3.50 10.62 -35.45
C PRO B 56 -3.10 9.15 -35.66
N GLU B 57 -3.32 8.62 -36.86
CA GLU B 57 -2.92 7.23 -37.12
C GLU B 57 -1.39 7.06 -37.16
N ASP B 58 -0.69 8.07 -37.65
CA ASP B 58 0.77 8.03 -37.65
C ASP B 58 1.29 7.97 -36.22
N PHE B 59 0.73 8.84 -35.37
CA PHE B 59 1.06 8.91 -33.96
C PHE B 59 0.99 7.54 -33.29
N VAL B 60 -0.11 6.82 -33.53
CA VAL B 60 -0.34 5.51 -32.92
C VAL B 60 0.68 4.47 -33.39
N ARG B 61 1.04 4.51 -34.66
CA ARG B 61 2.06 3.59 -35.15
C ARG B 61 3.40 3.90 -34.51
N SER B 62 3.60 5.15 -34.09
CA SER B 62 4.92 5.50 -33.57
C SER B 62 5.07 4.93 -32.17
N ILE B 63 3.95 4.79 -31.48
CA ILE B 63 4.03 4.23 -30.13
C ILE B 63 3.71 2.73 -30.12
N THR B 64 3.96 2.04 -31.23
CA THR B 64 3.69 0.61 -31.40
C THR B 64 4.31 -0.02 -32.65
N PRO B 65 5.12 -1.09 -32.49
CA PRO B 65 5.82 -1.79 -33.57
C PRO B 65 4.91 -2.44 -34.62
N ASN B 66 5.45 -2.72 -35.80
CA ASN B 66 4.70 -3.32 -36.93
C ASN B 66 3.22 -3.52 -36.63
N GLU B 71 -2.28 0.72 -51.59
CA GLU B 71 -0.96 1.16 -51.15
C GLU B 71 -0.99 2.03 -49.88
N HIS B 72 -0.64 3.29 -50.05
CA HIS B 72 -0.63 4.26 -48.96
C HIS B 72 0.63 5.12 -49.02
N LEU B 73 0.49 6.40 -48.72
CA LEU B 73 1.58 7.31 -49.05
C LEU B 73 1.96 8.29 -47.92
N GLY B 74 3.23 8.69 -47.93
CA GLY B 74 3.56 9.98 -47.39
C GLY B 74 2.98 10.99 -48.39
N LEU B 75 2.26 11.99 -47.90
CA LEU B 75 1.80 13.04 -48.78
C LEU B 75 2.60 14.31 -48.48
N ASP B 76 2.72 15.15 -49.49
CA ASP B 76 3.59 16.29 -49.41
C ASP B 76 2.86 17.39 -50.16
N GLN B 77 2.68 18.53 -49.53
CA GLN B 77 1.90 19.58 -50.14
C GLN B 77 2.62 20.91 -50.07
N TYR B 78 3.02 21.43 -51.21
CA TYR B 78 3.86 22.61 -51.17
C TYR B 78 3.26 23.84 -51.86
N ILE B 79 3.40 24.98 -51.20
CA ILE B 79 2.99 26.24 -51.78
C ILE B 79 4.22 26.91 -52.35
N ILE B 80 4.23 27.12 -53.66
CA ILE B 80 5.30 27.89 -54.30
C ILE B 80 5.12 29.34 -53.84
N LYS B 81 6.15 30.17 -54.02
CA LYS B 81 6.11 31.59 -53.64
C LYS B 81 7.50 32.16 -53.45
N GLY B 99 -14.32 16.40 -32.56
CA GLY B 99 -14.24 14.97 -32.25
C GLY B 99 -13.28 14.61 -31.12
N SER B 100 -12.05 14.25 -31.49
CA SER B 100 -11.08 13.72 -30.54
C SER B 100 -10.21 14.78 -29.90
N ILE B 101 -9.38 14.39 -28.94
CA ILE B 101 -8.41 15.30 -28.34
C ILE B 101 -7.51 15.91 -29.42
N PHE B 102 -7.21 15.13 -30.46
CA PHE B 102 -6.31 15.60 -31.52
C PHE B 102 -6.78 16.89 -32.16
N TYR B 103 -8.09 17.09 -32.17
CA TYR B 103 -8.71 18.32 -32.64
C TYR B 103 -8.23 19.49 -31.80
N THR B 104 -8.23 19.29 -30.48
CA THR B 104 -7.88 20.33 -29.51
C THR B 104 -6.47 20.86 -29.73
N LEU B 105 -5.70 20.20 -30.60
CA LEU B 105 -4.31 20.58 -30.86
C LEU B 105 -4.18 21.77 -31.81
N GLY B 106 -5.22 22.00 -32.61
CA GLY B 106 -5.28 23.18 -33.44
C GLY B 106 -5.25 22.96 -34.93
N GLU B 107 -4.50 21.95 -35.37
CA GLU B 107 -4.25 21.77 -36.81
C GLU B 107 -5.17 20.78 -37.53
N CYS B 108 -6.47 20.82 -37.22
CA CYS B 108 -7.45 20.01 -37.95
C CYS B 108 -7.29 18.50 -37.74
N GLY B 109 -6.73 18.12 -36.59
CA GLY B 109 -6.51 16.71 -36.29
C GLY B 109 -5.08 16.27 -36.57
N LEU B 110 -4.24 17.22 -36.97
CA LEU B 110 -2.83 16.95 -37.27
C LEU B 110 -1.88 17.29 -36.11
N ILE B 111 -1.00 16.34 -35.82
CA ILE B 111 -0.04 16.43 -34.74
C ILE B 111 1.29 16.99 -35.24
N SER B 112 1.69 18.14 -34.71
CA SER B 112 2.99 18.72 -35.04
C SER B 112 4.05 18.07 -34.16
N PHE B 113 5.32 18.40 -34.37
CA PHE B 113 6.39 17.85 -33.55
C PHE B 113 6.28 18.22 -32.07
N SER B 114 5.88 19.45 -31.79
CA SER B 114 5.72 19.86 -30.39
C SER B 114 4.49 19.21 -29.74
N ASP B 115 3.42 19.03 -30.51
CA ASP B 115 2.28 18.26 -30.03
C ASP B 115 2.71 16.84 -29.65
N TYR B 116 3.51 16.25 -30.53
CA TYR B 116 3.99 14.89 -30.35
C TYR B 116 4.86 14.75 -29.10
N ILE B 117 5.68 15.76 -28.81
CA ILE B 117 6.40 15.77 -27.53
C ILE B 117 5.46 15.87 -26.33
N PHE B 118 4.51 16.79 -26.42
CA PHE B 118 3.53 16.99 -25.37
C PHE B 118 2.78 15.69 -25.11
N LEU B 119 2.21 15.15 -26.18
CA LEU B 119 1.34 13.99 -26.09
C LEU B 119 2.03 12.73 -25.56
N THR B 120 3.28 12.52 -25.97
CA THR B 120 4.05 11.33 -25.60
C THR B 120 4.43 11.45 -24.13
N THR B 121 4.74 12.66 -23.71
CA THR B 121 4.95 12.99 -22.30
C THR B 121 3.75 12.58 -21.46
N VAL B 122 2.56 13.08 -21.85
CA VAL B 122 1.33 12.76 -21.12
C VAL B 122 1.11 11.26 -21.02
N LEU B 123 1.26 10.58 -22.16
CA LEU B 123 0.90 9.17 -22.27
C LEU B 123 1.79 8.27 -21.42
N SER B 124 3.01 8.72 -21.18
CA SER B 124 4.01 7.90 -20.51
C SER B 124 4.23 8.35 -19.07
N THR B 125 3.31 9.16 -18.56
CA THR B 125 3.34 9.57 -17.16
C THR B 125 2.18 8.89 -16.44
N PRO B 126 2.47 7.83 -15.66
CA PRO B 126 1.33 7.20 -14.98
C PRO B 126 0.80 8.06 -13.83
N GLN B 127 -0.53 8.09 -13.72
CA GLN B 127 -1.20 8.86 -12.68
C GLN B 127 -0.51 9.03 -11.31
N ARG B 128 -0.13 7.92 -10.67
CA ARG B 128 0.45 8.07 -9.34
C ARG B 128 1.74 8.85 -9.43
N ASN B 129 2.48 8.63 -10.52
CA ASN B 129 3.73 9.34 -10.72
C ASN B 129 3.46 10.82 -10.91
N PHE B 130 2.43 11.14 -11.68
CA PHE B 130 2.06 12.53 -11.88
C PHE B 130 1.71 13.18 -10.53
N GLU B 131 0.88 12.50 -9.75
CA GLU B 131 0.41 13.06 -8.48
C GLU B 131 1.53 13.53 -7.54
N ILE B 132 2.53 12.68 -7.31
CA ILE B 132 3.72 13.12 -6.59
C ILE B 132 4.53 14.19 -7.32
N ALA B 133 4.88 13.93 -8.58
CA ALA B 133 5.65 14.90 -9.34
C ALA B 133 4.98 16.24 -9.15
N PHE B 134 3.66 16.22 -9.20
CA PHE B 134 2.90 17.46 -9.14
C PHE B 134 3.07 18.15 -7.81
N LYS B 135 2.81 17.39 -6.75
CA LYS B 135 2.93 17.85 -5.38
C LYS B 135 4.27 18.58 -5.15
N MET B 136 5.36 18.00 -5.64
CA MET B 136 6.67 18.60 -5.46
C MET B 136 6.89 19.86 -6.32
N PHE B 137 6.45 19.81 -7.57
CA PHE B 137 6.50 20.97 -8.46
C PHE B 137 5.71 22.15 -7.91
N ASP B 138 4.58 21.86 -7.27
CA ASP B 138 3.70 22.90 -6.71
C ASP B 138 4.33 23.51 -5.45
N LEU B 139 5.22 24.46 -5.66
CA LEU B 139 6.10 24.95 -4.60
C LEU B 139 5.39 25.66 -3.45
N ASN B 140 4.19 26.16 -3.69
CA ASN B 140 3.45 26.87 -2.65
C ASN B 140 2.20 26.11 -2.18
N GLY B 141 2.15 24.82 -2.52
CA GLY B 141 1.09 23.93 -2.11
C GLY B 141 -0.33 24.45 -2.29
N ASP B 142 -0.58 25.19 -3.36
CA ASP B 142 -1.92 25.77 -3.53
C ASP B 142 -2.79 25.04 -4.54
N GLY B 143 -2.28 23.95 -5.12
CA GLY B 143 -3.08 23.11 -5.98
C GLY B 143 -2.93 23.34 -7.47
N GLU B 144 -2.23 24.40 -7.87
CA GLU B 144 -1.95 24.61 -9.29
C GLU B 144 -0.46 24.70 -9.49
N VAL B 145 -0.02 24.34 -10.69
CA VAL B 145 1.35 24.60 -11.06
C VAL B 145 1.36 25.66 -12.14
N ASP B 146 2.27 26.61 -12.03
CA ASP B 146 2.34 27.69 -13.01
C ASP B 146 3.73 27.80 -13.64
N MET B 147 3.85 28.61 -14.68
CA MET B 147 5.11 28.78 -15.38
C MET B 147 6.27 29.04 -14.40
N GLU B 148 6.05 29.96 -13.46
CA GLU B 148 7.05 30.29 -12.45
C GLU B 148 7.53 29.04 -11.74
N GLU B 149 6.57 28.31 -11.16
CA GLU B 149 6.91 27.15 -10.37
C GLU B 149 7.62 26.11 -11.23
N PHE B 150 7.07 25.88 -12.41
CA PHE B 150 7.68 24.98 -13.38
C PHE B 150 9.18 25.25 -13.57
N GLU B 151 9.52 26.50 -13.87
CA GLU B 151 10.89 26.87 -14.18
C GLU B 151 11.84 26.72 -13.00
N GLN B 152 11.55 27.42 -11.91
CA GLN B 152 12.38 27.29 -10.72
C GLN B 152 12.69 25.82 -10.45
N VAL B 153 11.68 24.96 -10.65
CA VAL B 153 11.82 23.55 -10.32
C VAL B 153 12.56 22.80 -11.42
N GLN B 154 12.31 23.20 -12.66
CA GLN B 154 13.03 22.61 -13.78
C GLN B 154 14.54 22.85 -13.67
N SER B 155 14.95 24.05 -13.26
CA SER B 155 16.36 24.36 -13.11
C SER B 155 16.94 23.90 -11.75
N ILE B 156 16.07 23.73 -10.77
CA ILE B 156 16.49 23.08 -9.52
C ILE B 156 16.95 21.68 -9.89
N ILE B 157 16.37 21.15 -10.96
CA ILE B 157 16.67 19.81 -11.41
C ILE B 157 17.94 19.73 -12.27
N ARG B 158 18.33 20.85 -12.89
CA ARG B 158 19.61 20.91 -13.58
C ARG B 158 20.76 20.80 -12.57
N SER B 159 20.63 19.83 -11.66
CA SER B 159 21.57 19.67 -10.56
C SER B 159 21.01 18.71 -9.51
N LEU B 181 13.66 22.14 -25.18
CA LEU B 181 13.72 20.92 -24.38
C LEU B 181 12.36 20.58 -23.77
N CYS B 182 12.19 20.96 -22.50
CA CYS B 182 10.90 20.90 -21.81
C CYS B 182 10.20 22.26 -21.94
N SER B 183 10.80 23.16 -22.72
CA SER B 183 10.17 24.41 -23.08
C SER B 183 8.93 24.15 -23.94
N ALA B 184 8.94 23.04 -24.66
CA ALA B 184 7.83 22.68 -25.54
C ALA B 184 6.53 22.52 -24.76
N LEU B 185 6.61 21.84 -23.62
CA LEU B 185 5.44 21.56 -22.80
C LEU B 185 4.79 22.82 -22.23
N THR B 186 5.61 23.83 -21.96
CA THR B 186 5.19 24.99 -21.20
C THR B 186 3.87 25.61 -21.67
N THR B 187 3.68 25.68 -22.98
CA THR B 187 2.52 26.32 -23.58
C THR B 187 1.30 25.39 -23.67
N TYR B 188 1.53 24.11 -23.40
CA TYR B 188 0.40 23.21 -23.25
C TYR B 188 -0.04 23.29 -21.81
N PHE B 189 0.90 23.01 -20.91
CA PHE B 189 0.65 23.09 -19.48
C PHE B 189 0.06 24.43 -19.03
N PHE B 190 0.42 25.52 -19.71
CA PHE B 190 0.14 26.87 -19.19
C PHE B 190 -0.37 27.87 -20.22
N GLY B 191 -0.98 27.39 -21.29
CA GLY B 191 -1.52 28.27 -22.31
C GLY B 191 -0.41 28.92 -23.13
N ALA B 192 -0.81 29.60 -24.20
CA ALA B 192 0.16 30.17 -25.13
C ALA B 192 0.76 31.46 -24.56
N ASP B 193 0.08 32.03 -23.56
CA ASP B 193 0.58 33.23 -22.90
C ASP B 193 1.27 32.88 -21.57
N LEU B 194 1.56 31.58 -21.39
CA LEU B 194 2.20 31.09 -20.17
C LEU B 194 1.57 31.65 -18.90
N LYS B 195 0.32 32.09 -19.01
CA LYS B 195 -0.38 32.65 -17.85
C LYS B 195 -1.28 31.61 -17.22
N GLY B 196 -1.50 30.50 -17.94
CA GLY B 196 -2.33 29.41 -17.46
C GLY B 196 -1.78 28.71 -16.22
N LYS B 197 -2.60 27.82 -15.64
CA LYS B 197 -2.21 27.12 -14.43
C LYS B 197 -2.57 25.64 -14.46
N LEU B 198 -1.56 24.79 -14.34
CA LEU B 198 -1.71 23.34 -14.44
C LEU B 198 -2.45 22.73 -13.23
N THR B 199 -3.21 21.67 -13.49
CA THR B 199 -4.06 21.06 -12.45
C THR B 199 -4.13 19.53 -12.55
N ILE B 200 -4.09 18.87 -11.41
CA ILE B 200 -4.26 17.42 -11.38
C ILE B 200 -5.58 16.97 -12.03
N LYS B 201 -6.68 17.62 -11.71
CA LYS B 201 -7.97 17.20 -12.28
C LYS B 201 -7.98 17.39 -13.80
N ASN B 202 -7.42 18.51 -14.27
CA ASN B 202 -7.29 18.76 -15.71
C ASN B 202 -6.37 17.78 -16.39
N PHE B 203 -5.21 17.55 -15.79
CA PHE B 203 -4.22 16.71 -16.43
C PHE B 203 -4.81 15.33 -16.64
N LEU B 204 -5.47 14.81 -15.60
CA LEU B 204 -5.98 13.44 -15.66
C LEU B 204 -7.17 13.25 -16.62
N GLU B 205 -8.04 14.25 -16.72
CA GLU B 205 -9.14 14.18 -17.68
C GLU B 205 -8.54 14.08 -19.08
N PHE B 206 -7.52 14.88 -19.30
CA PHE B 206 -6.91 14.94 -20.62
C PHE B 206 -6.30 13.59 -20.95
N GLN B 207 -5.41 13.14 -20.08
CA GLN B 207 -4.78 11.84 -20.24
C GLN B 207 -5.79 10.73 -20.53
N ARG B 208 -6.91 10.73 -19.81
CA ARG B 208 -7.96 9.72 -20.01
C ARG B 208 -8.57 9.78 -21.39
N LYS B 209 -8.88 11.00 -21.85
CA LYS B 209 -9.45 11.21 -23.16
C LYS B 209 -8.45 10.81 -24.25
N LEU B 210 -7.20 11.17 -24.03
CA LEU B 210 -6.11 10.91 -24.98
C LEU B 210 -5.86 9.42 -25.04
N GLN B 211 -5.92 8.78 -23.88
CA GLN B 211 -5.71 7.35 -23.77
C GLN B 211 -6.84 6.58 -24.43
N HIS B 212 -8.04 7.14 -24.39
CA HIS B 212 -9.19 6.51 -25.00
C HIS B 212 -9.09 6.63 -26.52
N ASP B 213 -8.83 7.85 -26.97
CA ASP B 213 -8.72 8.14 -28.41
C ASP B 213 -7.62 7.31 -29.08
N VAL B 214 -6.48 7.23 -28.43
CA VAL B 214 -5.40 6.38 -28.92
C VAL B 214 -5.83 4.93 -28.97
N LEU B 215 -6.29 4.42 -27.84
CA LEU B 215 -6.68 3.02 -27.75
C LEU B 215 -7.70 2.71 -28.84
N LYS B 216 -8.61 3.65 -29.09
CA LYS B 216 -9.54 3.52 -30.20
C LYS B 216 -8.84 3.41 -31.58
N LEU B 217 -7.81 4.21 -31.79
CA LEU B 217 -7.07 4.18 -33.05
C LEU B 217 -6.28 2.89 -33.18
N GLU B 218 -5.71 2.41 -32.07
CA GLU B 218 -5.00 1.14 -32.12
C GLU B 218 -5.96 0.03 -32.48
N PHE B 219 -7.22 0.21 -32.12
CA PHE B 219 -8.23 -0.79 -32.37
C PHE B 219 -8.57 -0.88 -33.86
N GLU B 220 -8.69 0.28 -34.50
CA GLU B 220 -8.96 0.35 -35.94
C GLU B 220 -7.77 -0.12 -36.79
N ARG B 221 -6.57 0.10 -36.28
CA ARG B 221 -5.37 -0.33 -36.98
C ARG B 221 -5.34 -1.85 -37.16
N HIS B 222 -6.33 -2.55 -36.61
CA HIS B 222 -6.50 -3.99 -36.83
C HIS B 222 -7.72 -4.29 -37.69
N ASP B 223 -8.31 -3.24 -38.25
CA ASP B 223 -9.47 -3.38 -39.11
C ASP B 223 -10.48 -4.38 -38.56
N PRO B 224 -11.33 -3.91 -37.64
CA PRO B 224 -12.36 -4.76 -37.04
C PRO B 224 -13.57 -4.95 -37.97
N VAL B 225 -14.08 -6.18 -38.03
CA VAL B 225 -15.29 -6.42 -38.78
C VAL B 225 -16.50 -6.41 -37.85
N ASP B 226 -17.43 -5.51 -38.13
CA ASP B 226 -18.60 -5.31 -37.28
C ASP B 226 -18.21 -5.01 -35.84
N GLY B 227 -17.22 -4.14 -35.67
CA GLY B 227 -16.80 -3.68 -34.37
C GLY B 227 -16.04 -4.70 -33.55
N ARG B 228 -15.45 -5.68 -34.23
CA ARG B 228 -14.74 -6.74 -33.52
C ARG B 228 -13.39 -7.13 -34.12
N ILE B 229 -12.35 -7.08 -33.30
CA ILE B 229 -11.08 -7.71 -33.63
C ILE B 229 -11.13 -9.15 -33.13
N THR B 230 -10.26 -9.99 -33.68
CA THR B 230 -10.29 -11.40 -33.34
C THR B 230 -9.52 -11.66 -32.06
N GLU B 231 -9.70 -12.87 -31.53
CA GLU B 231 -8.95 -13.29 -30.35
C GLU B 231 -7.48 -13.00 -30.58
N ARG B 232 -6.96 -13.49 -31.71
CA ARG B 232 -5.54 -13.43 -31.98
C ARG B 232 -5.05 -12.00 -31.93
N GLN B 233 -5.79 -11.11 -32.60
CA GLN B 233 -5.38 -9.70 -32.63
C GLN B 233 -5.38 -9.05 -31.26
N PHE B 234 -6.31 -9.45 -30.40
CA PHE B 234 -6.33 -8.94 -29.04
C PHE B 234 -5.15 -9.53 -28.28
N GLY B 235 -4.95 -10.84 -28.45
CA GLY B 235 -3.77 -11.45 -27.86
C GLY B 235 -2.53 -10.69 -28.29
N GLY B 236 -2.59 -10.11 -29.49
CA GLY B 236 -1.50 -9.30 -30.01
C GLY B 236 -1.30 -8.03 -29.21
N MET B 237 -2.36 -7.24 -29.10
CA MET B 237 -2.31 -6.01 -28.32
C MET B 237 -1.75 -6.23 -26.92
N LEU B 238 -2.13 -7.33 -26.27
CA LEU B 238 -1.68 -7.60 -24.90
C LEU B 238 -0.18 -7.89 -24.87
N LEU B 239 0.30 -8.60 -25.88
CA LEU B 239 1.73 -8.90 -26.00
C LEU B 239 2.54 -7.65 -26.39
N ALA B 240 2.10 -6.97 -27.44
CA ALA B 240 2.67 -5.69 -27.80
C ALA B 240 2.84 -4.90 -26.51
N TYR B 241 1.73 -4.48 -25.92
CA TYR B 241 1.73 -3.66 -24.71
C TYR B 241 2.63 -4.18 -23.56
N SER B 242 2.60 -5.48 -23.30
CA SER B 242 3.38 -6.04 -22.19
C SER B 242 4.84 -5.63 -22.29
N GLY B 243 5.28 -5.37 -23.52
CA GLY B 243 6.65 -4.98 -23.81
C GLY B 243 7.60 -6.15 -23.79
N VAL B 244 7.15 -7.25 -23.18
CA VAL B 244 7.99 -8.40 -22.98
C VAL B 244 8.24 -9.17 -24.28
N GLN B 245 9.37 -9.89 -24.30
CA GLN B 245 9.73 -10.73 -25.43
C GLN B 245 9.91 -12.16 -24.94
N SER B 246 9.24 -13.11 -25.59
CA SER B 246 9.31 -14.50 -25.19
C SER B 246 8.63 -15.42 -26.20
N LYS B 247 9.34 -16.46 -26.62
CA LYS B 247 8.84 -17.37 -27.63
C LYS B 247 7.72 -18.25 -27.08
N LYS B 248 7.83 -18.63 -25.82
CA LYS B 248 6.80 -19.43 -25.17
C LYS B 248 5.44 -18.73 -25.23
N LEU B 249 5.45 -17.40 -25.14
CA LEU B 249 4.23 -16.62 -25.27
C LEU B 249 3.91 -16.31 -26.73
N THR B 250 4.93 -16.19 -27.57
CA THR B 250 4.68 -15.92 -28.98
C THR B 250 4.13 -17.18 -29.64
N ALA B 251 4.63 -18.33 -29.21
CA ALA B 251 4.01 -19.60 -29.55
C ALA B 251 2.61 -19.60 -28.93
N MET B 252 2.58 -19.22 -27.65
CA MET B 252 1.35 -19.07 -26.88
C MET B 252 0.27 -18.31 -27.67
N GLN B 253 0.63 -17.12 -28.14
CA GLN B 253 -0.32 -16.30 -28.88
C GLN B 253 -0.66 -16.90 -30.21
N ARG B 254 0.23 -17.73 -30.74
CA ARG B 254 0.02 -18.35 -32.04
C ARG B 254 -1.19 -19.27 -31.98
N GLN B 255 -1.25 -20.06 -30.91
CA GLN B 255 -2.33 -21.02 -30.74
C GLN B 255 -3.68 -20.34 -30.59
N LEU B 256 -3.68 -19.07 -30.18
CA LEU B 256 -4.93 -18.35 -29.94
C LEU B 256 -5.93 -18.49 -31.09
N LYS B 257 -5.45 -18.35 -32.32
CA LYS B 257 -6.33 -18.46 -33.48
C LYS B 257 -6.93 -19.86 -33.57
N LYS B 258 -6.06 -20.86 -33.52
CA LYS B 258 -6.51 -22.25 -33.52
C LYS B 258 -7.34 -22.54 -32.26
N HIS B 259 -7.11 -21.76 -31.21
CA HIS B 259 -7.73 -22.02 -29.92
C HIS B 259 -9.20 -21.59 -29.84
N PHE B 260 -9.52 -20.43 -30.39
CA PHE B 260 -10.90 -19.97 -30.42
C PHE B 260 -11.55 -20.26 -31.77
N LYS B 261 -12.11 -21.46 -31.88
CA LYS B 261 -12.71 -21.95 -33.12
C LYS B 261 -13.57 -20.89 -33.81
N GLU B 262 -14.72 -20.57 -33.21
CA GLU B 262 -15.49 -19.44 -33.71
C GLU B 262 -14.92 -18.17 -33.13
N GLY B 263 -15.04 -18.02 -31.81
CA GLY B 263 -14.65 -16.79 -31.15
C GLY B 263 -15.32 -15.62 -31.85
N LYS B 264 -16.38 -15.12 -31.24
CA LYS B 264 -17.07 -13.94 -31.74
C LYS B 264 -16.11 -12.75 -31.77
N GLY B 265 -14.94 -12.91 -31.17
CA GLY B 265 -13.96 -11.84 -31.10
C GLY B 265 -14.27 -10.86 -29.98
N LEU B 266 -13.59 -9.72 -30.03
CA LEU B 266 -13.65 -8.73 -28.95
C LEU B 266 -14.13 -7.35 -29.46
N THR B 267 -15.04 -6.74 -28.71
CA THR B 267 -15.57 -5.42 -29.05
C THR B 267 -14.59 -4.41 -28.51
N PHE B 268 -14.67 -3.16 -28.95
CA PHE B 268 -13.79 -2.14 -28.40
C PHE B 268 -14.04 -1.94 -26.90
N GLN B 269 -15.30 -1.92 -26.49
CA GLN B 269 -15.58 -1.70 -25.08
C GLN B 269 -14.97 -2.79 -24.22
N GLU B 270 -14.92 -4.00 -24.75
CA GLU B 270 -14.33 -5.12 -24.03
C GLU B 270 -12.85 -4.86 -23.86
N VAL B 271 -12.20 -4.48 -24.97
CA VAL B 271 -10.76 -4.27 -25.02
C VAL B 271 -10.36 -3.05 -24.19
N GLU B 272 -11.11 -1.95 -24.34
CA GLU B 272 -10.87 -0.81 -23.48
C GLU B 272 -10.95 -1.17 -22.00
N ASN B 273 -12.06 -1.77 -21.59
CA ASN B 273 -12.21 -2.14 -20.18
C ASN B 273 -11.05 -2.91 -19.64
N PHE B 274 -10.47 -3.78 -20.47
CA PHE B 274 -9.31 -4.53 -20.02
C PHE B 274 -8.06 -3.65 -19.87
N PHE B 275 -7.85 -2.74 -20.82
CA PHE B 275 -6.73 -1.82 -20.69
C PHE B 275 -6.92 -0.86 -19.51
N THR B 276 -8.16 -0.53 -19.19
CA THR B 276 -8.40 0.26 -17.98
C THR B 276 -7.90 -0.47 -16.74
N PHE B 277 -7.98 -1.81 -16.78
CA PHE B 277 -7.56 -2.67 -15.69
C PHE B 277 -6.06 -2.83 -15.67
N LEU B 278 -5.45 -2.89 -16.85
CA LEU B 278 -3.99 -2.90 -16.96
C LEU B 278 -3.42 -1.59 -16.40
N LYS B 279 -4.11 -0.50 -16.70
CA LYS B 279 -3.73 0.81 -16.21
C LYS B 279 -3.66 0.86 -14.68
N ASN B 280 -4.54 0.13 -14.00
CA ASN B 280 -4.51 0.12 -12.53
C ASN B 280 -3.88 -1.13 -11.92
N ILE B 281 -3.01 -1.79 -12.67
CA ILE B 281 -2.52 -3.12 -12.28
C ILE B 281 -1.58 -3.15 -11.07
N ASN B 282 -1.09 -1.97 -10.66
CA ASN B 282 -0.25 -1.90 -9.47
C ASN B 282 -1.10 -1.85 -8.20
N ASP B 283 -2.35 -1.46 -8.37
CA ASP B 283 -3.31 -1.45 -7.27
C ASP B 283 -3.78 -2.87 -6.96
N VAL B 284 -3.79 -3.71 -7.98
CA VAL B 284 -4.18 -5.10 -7.80
C VAL B 284 -3.28 -5.70 -6.75
N ASP B 285 -1.99 -5.44 -6.86
CA ASP B 285 -1.07 -5.98 -5.89
C ASP B 285 -1.42 -5.49 -4.50
N THR B 286 -1.69 -4.20 -4.39
CA THR B 286 -2.13 -3.62 -3.11
C THR B 286 -3.38 -4.29 -2.59
N ALA B 287 -4.48 -4.19 -3.33
CA ALA B 287 -5.76 -4.73 -2.88
C ALA B 287 -5.66 -6.20 -2.47
N LEU B 288 -4.81 -6.95 -3.16
CA LEU B 288 -4.57 -8.35 -2.80
C LEU B 288 -3.85 -8.41 -1.47
N SER B 289 -2.65 -7.82 -1.46
CA SER B 289 -1.80 -7.71 -0.29
C SER B 289 -2.49 -6.90 0.80
N PHE B 290 -3.81 -6.79 0.68
CA PHE B 290 -4.58 -6.04 1.64
C PHE B 290 -5.59 -6.99 2.26
N TYR B 291 -5.90 -8.07 1.56
CA TYR B 291 -6.74 -9.13 2.11
C TYR B 291 -5.89 -10.33 2.51
N HIS B 292 -4.59 -10.04 2.69
CA HIS B 292 -3.58 -11.03 3.05
C HIS B 292 -3.55 -12.14 1.99
N MET B 293 -3.60 -11.71 0.74
CA MET B 293 -3.45 -12.57 -0.41
C MET B 293 -2.28 -12.04 -1.22
N ALA B 294 -1.53 -11.14 -0.61
CA ALA B 294 -0.35 -10.55 -1.23
C ALA B 294 0.36 -11.50 -2.20
N GLY B 295 0.28 -11.18 -3.49
CA GLY B 295 0.93 -11.97 -4.52
C GLY B 295 0.29 -13.32 -4.77
N ALA B 296 -1.05 -13.35 -4.72
CA ALA B 296 -1.83 -14.56 -4.90
C ALA B 296 -1.89 -15.02 -6.36
N SER B 297 -2.92 -15.79 -6.69
CA SER B 297 -3.01 -16.36 -8.03
C SER B 297 -4.43 -16.20 -8.57
N LEU B 298 -4.55 -15.37 -9.60
CA LEU B 298 -5.84 -15.08 -10.17
C LEU B 298 -6.38 -16.28 -10.90
N ASP B 299 -7.58 -16.70 -10.51
CA ASP B 299 -8.39 -17.48 -11.44
C ASP B 299 -9.25 -16.43 -12.12
N LYS B 300 -10.15 -16.84 -13.00
CA LYS B 300 -11.01 -15.87 -13.67
C LYS B 300 -11.83 -15.12 -12.63
N VAL B 301 -12.66 -15.86 -11.88
CA VAL B 301 -13.57 -15.24 -10.92
C VAL B 301 -12.87 -14.15 -10.11
N THR B 302 -11.69 -14.46 -9.58
CA THR B 302 -10.89 -13.51 -8.84
C THR B 302 -10.47 -12.29 -9.69
N MET B 303 -10.03 -12.53 -10.91
CA MET B 303 -9.60 -11.43 -11.75
C MET B 303 -10.74 -10.43 -11.90
N GLN B 304 -11.90 -10.93 -12.31
CA GLN B 304 -13.08 -10.11 -12.51
C GLN B 304 -13.47 -9.35 -11.24
N GLN B 305 -13.22 -9.95 -10.08
CA GLN B 305 -13.47 -9.27 -8.80
C GLN B 305 -12.60 -8.03 -8.59
N VAL B 306 -11.29 -8.19 -8.76
CA VAL B 306 -10.36 -7.13 -8.42
C VAL B 306 -10.37 -6.03 -9.48
N ALA B 307 -10.59 -6.42 -10.74
CA ALA B 307 -10.77 -5.41 -11.77
C ALA B 307 -11.92 -4.46 -11.36
N ARG B 308 -13.06 -5.04 -10.99
CA ARG B 308 -14.20 -4.29 -10.50
C ARG B 308 -13.78 -3.38 -9.35
N THR B 309 -13.01 -3.96 -8.43
CA THR B 309 -12.57 -3.28 -7.23
C THR B 309 -11.59 -2.14 -7.45
N VAL B 310 -10.48 -2.41 -8.11
CA VAL B 310 -9.40 -1.42 -8.18
C VAL B 310 -9.40 -0.60 -9.47
N ALA B 311 -10.09 -1.10 -10.49
CA ALA B 311 -10.18 -0.35 -11.74
C ALA B 311 -11.63 0.02 -12.06
N LYS B 312 -12.57 -0.46 -11.26
CA LYS B 312 -13.99 -0.14 -11.49
C LYS B 312 -14.50 -0.49 -12.89
N VAL B 313 -14.00 -1.57 -13.48
CA VAL B 313 -14.54 -2.03 -14.76
C VAL B 313 -15.11 -3.46 -14.68
N GLU B 314 -15.97 -3.79 -15.64
CA GLU B 314 -16.54 -5.13 -15.72
C GLU B 314 -15.95 -5.94 -16.89
N LEU B 315 -14.89 -6.66 -16.60
CA LEU B 315 -14.25 -7.51 -17.58
C LEU B 315 -15.21 -8.60 -18.11
N SER B 316 -15.27 -8.75 -19.42
CA SER B 316 -16.12 -9.79 -19.98
C SER B 316 -15.50 -11.17 -19.76
N ASP B 317 -16.37 -12.16 -19.62
CA ASP B 317 -15.96 -13.56 -19.54
C ASP B 317 -15.03 -13.93 -20.69
N HIS B 318 -15.36 -13.50 -21.90
CA HIS B 318 -14.54 -13.85 -23.06
C HIS B 318 -13.15 -13.23 -22.99
N VAL B 319 -13.09 -11.96 -22.61
CA VAL B 319 -11.81 -11.29 -22.45
C VAL B 319 -10.91 -12.09 -21.50
N CYS B 320 -11.48 -12.60 -20.41
CA CYS B 320 -10.71 -13.42 -19.47
C CYS B 320 -10.25 -14.74 -20.10
N ASP B 321 -11.15 -15.41 -20.82
CA ASP B 321 -10.82 -16.61 -21.57
C ASP B 321 -9.56 -16.38 -22.38
N VAL B 322 -9.58 -15.33 -23.21
CA VAL B 322 -8.42 -15.00 -24.00
C VAL B 322 -7.16 -14.73 -23.15
N VAL B 323 -7.24 -13.81 -22.21
CA VAL B 323 -6.09 -13.45 -21.39
C VAL B 323 -5.44 -14.64 -20.66
N PHE B 324 -6.26 -15.60 -20.25
CA PHE B 324 -5.75 -16.77 -19.52
C PHE B 324 -5.12 -17.74 -20.51
N ALA B 325 -5.65 -17.77 -21.73
CA ALA B 325 -5.14 -18.68 -22.74
C ALA B 325 -3.76 -18.22 -23.20
N LEU B 326 -3.56 -16.91 -23.19
CA LEU B 326 -2.32 -16.32 -23.66
C LEU B 326 -1.22 -16.25 -22.58
N PHE B 327 -1.58 -16.34 -21.31
CA PHE B 327 -0.58 -16.13 -20.26
C PHE B 327 -0.40 -17.28 -19.30
N ASP B 328 -1.33 -18.22 -19.32
CA ASP B 328 -1.27 -19.41 -18.45
C ASP B 328 -0.28 -20.43 -19.03
N CYS B 329 0.95 -19.99 -19.25
CA CYS B 329 1.97 -20.80 -19.91
C CYS B 329 2.07 -22.20 -19.35
N ASP B 330 2.34 -22.31 -18.06
CA ASP B 330 2.42 -23.61 -17.41
C ASP B 330 1.06 -24.32 -17.41
N GLY B 331 0.07 -23.65 -17.98
CA GLY B 331 -1.22 -24.27 -18.22
C GLY B 331 -1.89 -24.89 -17.01
N ASN B 332 -1.59 -24.38 -15.81
CA ASN B 332 -2.30 -24.86 -14.63
C ASN B 332 -3.74 -24.33 -14.52
N GLY B 333 -4.09 -23.36 -15.36
CA GLY B 333 -5.43 -22.81 -15.36
C GLY B 333 -5.65 -21.53 -14.56
N GLU B 334 -4.60 -21.03 -13.92
CA GLU B 334 -4.77 -19.83 -13.13
C GLU B 334 -3.50 -18.97 -13.07
N LEU B 335 -3.62 -17.74 -13.56
CA LEU B 335 -2.48 -16.83 -13.68
C LEU B 335 -1.80 -16.58 -12.34
N SER B 336 -0.49 -16.75 -12.31
CA SER B 336 0.28 -16.41 -11.13
C SER B 336 0.87 -15.04 -11.37
N ASN B 337 1.44 -14.47 -10.32
CA ASN B 337 2.08 -13.17 -10.44
C ASN B 337 3.09 -13.18 -11.57
N LYS B 338 3.87 -14.26 -11.65
CA LYS B 338 4.88 -14.40 -12.71
C LYS B 338 4.32 -14.23 -14.12
N GLU B 339 3.26 -14.96 -14.44
CA GLU B 339 2.77 -15.00 -15.80
C GLU B 339 1.95 -13.80 -16.24
N PHE B 340 1.53 -12.96 -15.31
CA PHE B 340 0.68 -11.85 -15.70
C PHE B 340 0.91 -10.52 -14.97
N VAL B 341 0.52 -10.45 -13.70
CA VAL B 341 0.62 -9.20 -12.94
C VAL B 341 2.03 -8.63 -12.88
N SER B 342 3.00 -9.49 -12.61
CA SER B 342 4.39 -9.07 -12.55
C SER B 342 4.82 -8.49 -13.90
N ILE B 343 4.51 -9.23 -14.97
CA ILE B 343 4.67 -8.76 -16.33
C ILE B 343 4.08 -7.36 -16.58
N MET B 344 2.92 -7.09 -15.96
CA MET B 344 2.14 -5.89 -16.23
C MET B 344 2.57 -4.69 -15.41
N LYS B 345 3.04 -4.94 -14.20
CA LYS B 345 3.64 -3.89 -13.38
C LYS B 345 4.91 -3.41 -14.07
N GLN B 346 5.57 -4.32 -14.78
CA GLN B 346 6.82 -4.02 -15.48
C GLN B 346 6.62 -3.18 -16.75
N ARG B 347 5.42 -3.22 -17.31
CA ARG B 347 5.08 -2.38 -18.45
C ARG B 347 4.98 -0.92 -18.00
N LEU B 348 4.21 -0.68 -16.95
CA LEU B 348 4.18 0.64 -16.33
C LEU B 348 5.55 0.99 -15.76
N MET B 349 6.55 0.20 -16.14
CA MET B 349 7.92 0.37 -15.64
C MET B 349 7.91 0.91 -14.21
CA CA C . 4.01 -27.64 7.36
CA CA D . -3.26 19.61 13.59
CL CL E . 7.85 -22.18 1.53
CA CA F . 1.11 26.56 -6.87
CA CA G . -0.84 -20.58 -14.65
C1 MPD H . 5.13 18.93 -15.24
C2 MPD H . 4.78 18.02 -14.06
O2 MPD H . 5.93 17.85 -13.20
CM MPD H . 3.65 18.63 -13.24
C3 MPD H . 4.38 16.65 -14.60
C4 MPD H . 5.01 16.40 -15.96
O4 MPD H . 6.22 15.69 -15.78
C5 MPD H . 4.07 15.62 -16.87
C1 MPD I . 0.05 1.76 -26.92
C2 MPD I . -1.07 0.78 -26.61
O2 MPD I . -2.09 0.84 -27.65
CM MPD I . -0.50 -0.65 -26.63
C3 MPD I . -1.72 1.11 -25.27
C4 MPD I . -1.62 2.57 -24.83
O4 MPD I . -2.87 3.23 -24.85
C5 MPD I . -1.06 2.70 -23.42
C1 MPD J . -11.38 -6.14 -2.81
C2 MPD J . -10.91 -7.02 -3.96
O2 MPD J . -12.10 -7.49 -4.65
CM MPD J . -10.06 -6.23 -4.95
C3 MPD J . -10.10 -8.22 -3.47
C4 MPD J . -10.78 -9.55 -3.84
O4 MPD J . -10.35 -9.93 -5.13
C5 MPD J . -10.47 -10.65 -2.82
CL CL K . -3.66 20.12 -20.01
#